data_3GJ4
#
_entry.id   3GJ4
#
_cell.length_a   68.422
_cell.length_b   61.567
_cell.length_c   72.062
_cell.angle_alpha   90.00
_cell.angle_beta   110.01
_cell.angle_gamma   90.00
#
_symmetry.space_group_name_H-M   'P 1 21 1'
#
loop_
_entity.id
_entity.type
_entity.pdbx_description
1 polymer 'GTP-binding nuclear protein Ran'
2 polymer 'Nuclear pore complex protein Nup153'
3 non-polymer 'MAGNESIUM ION'
4 non-polymer "GUANOSINE-5'-DIPHOSPHATE"
5 non-polymer 'ZINC ION'
6 water water
#
loop_
_entity_poly.entity_id
_entity_poly.type
_entity_poly.pdbx_seq_one_letter_code
_entity_poly.pdbx_strand_id
1 'polypeptide(L)'
;GPHMASAAQGEPQVQFKLVLVGDGGTGKTTFVKRHLTGESEKKYVATLGVEVHPLVFHTNRGPIKFNVWDTAGQEKFGGL
RDGYYIQAQCAIIMFDVTSRVTYKNVPNWHRDLVRVCENIPIVLCGNKVDIKDRKVKAKSIVFHRKKNLQYYDISAKSNY
NFEKPFLWLARKLIGDPNLEFVAMPALAPPEVVMDPALAAQYEHDLEVAQTTALPDEDDDL
;
A,C
2 'polypeptide(L)' GPLGSVGSWECPVCCVSNKAEDSRCVSCTSEKP B,D
#
# COMPACT_ATOMS: atom_id res chain seq x y z
N GLN A 13 13.19 -0.34 10.98
CA GLN A 13 12.02 -0.93 10.34
C GLN A 13 11.71 -2.33 10.85
N VAL A 14 10.42 -2.63 10.99
CA VAL A 14 10.00 -3.93 11.49
C VAL A 14 9.60 -4.87 10.37
N GLN A 15 10.41 -5.89 10.13
CA GLN A 15 10.12 -6.87 9.09
C GLN A 15 10.47 -8.29 9.54
N PHE A 16 9.78 -9.27 8.94
CA PHE A 16 9.91 -10.68 9.29
C PHE A 16 9.95 -11.52 8.02
N LYS A 17 10.86 -12.48 7.95
CA LYS A 17 10.80 -13.45 6.86
C LYS A 17 9.67 -14.41 7.14
N LEU A 18 8.75 -14.53 6.20
CA LEU A 18 7.62 -15.43 6.33
C LEU A 18 7.72 -16.47 5.24
N VAL A 19 7.91 -17.73 5.62
CA VAL A 19 7.89 -18.79 4.61
C VAL A 19 6.46 -19.32 4.41
N LEU A 20 6.05 -19.42 3.16
CA LEU A 20 4.72 -19.91 2.82
C LEU A 20 4.82 -21.27 2.15
N VAL A 21 4.34 -22.32 2.83
CA VAL A 21 4.48 -23.67 2.33
C VAL A 21 3.15 -24.44 2.27
N GLY A 22 3.21 -25.64 1.69
CA GLY A 22 2.02 -26.42 1.43
C GLY A 22 2.13 -27.08 0.07
N ASP A 23 1.31 -28.10 -0.17
CA ASP A 23 1.33 -28.87 -1.42
C ASP A 23 1.17 -27.95 -2.65
N GLY A 24 1.77 -28.35 -3.77
CA GLY A 24 1.57 -27.64 -5.01
C GLY A 24 0.10 -27.60 -5.34
N GLY A 25 -0.36 -26.50 -5.94
CA GLY A 25 -1.75 -26.37 -6.34
C GLY A 25 -2.71 -25.96 -5.23
N THR A 26 -2.19 -25.62 -4.05
CA THR A 26 -3.06 -25.22 -2.94
C THR A 26 -3.45 -23.75 -3.01
N GLY A 27 -2.71 -22.98 -3.80
CA GLY A 27 -3.00 -21.57 -4.03
C GLY A 27 -2.12 -20.60 -3.27
N LYS A 28 -0.88 -21.01 -2.99
CA LYS A 28 0.08 -20.18 -2.27
C LYS A 28 0.43 -18.95 -3.10
N THR A 29 0.63 -19.14 -4.40
CA THR A 29 0.99 -18.04 -5.28
C THR A 29 -0.16 -17.04 -5.49
N THR A 30 -1.36 -17.57 -5.73
CA THR A 30 -2.55 -16.75 -5.86
C THR A 30 -2.75 -15.91 -4.60
N PHE A 31 -2.51 -16.53 -3.45
CA PHE A 31 -2.75 -15.93 -2.17
C PHE A 31 -1.80 -14.76 -1.93
N VAL A 32 -0.49 -15.02 -2.01
CA VAL A 32 0.46 -13.93 -1.78
C VAL A 32 0.28 -12.76 -2.77
N LYS A 33 -0.10 -13.09 -4.01
CA LYS A 33 -0.19 -12.11 -5.06
C LYS A 33 -1.37 -11.15 -4.89
N ARG A 34 -2.25 -11.44 -3.94
CA ARG A 34 -3.38 -10.56 -3.68
C ARG A 34 -2.84 -9.18 -3.30
N HIS A 35 -1.75 -9.15 -2.55
CA HIS A 35 -1.19 -7.90 -2.05
C HIS A 35 -0.46 -7.20 -3.20
N LEU A 36 -1.00 -6.05 -3.62
CA LEU A 36 -0.55 -5.46 -4.88
C LEU A 36 0.87 -4.91 -4.81
N THR A 37 1.21 -4.23 -3.72
CA THR A 37 2.54 -3.68 -3.61
C THR A 37 3.57 -4.80 -3.45
N GLY A 38 3.17 -5.84 -2.72
CA GLY A 38 3.99 -7.02 -2.57
C GLY A 38 4.32 -7.57 -3.93
N GLU A 39 3.34 -7.60 -4.81
CA GLU A 39 3.55 -8.11 -6.15
C GLU A 39 4.49 -7.20 -7.00
N SER A 40 4.30 -5.89 -6.91
CA SER A 40 5.11 -4.99 -7.74
C SER A 40 6.56 -4.85 -7.23
N GLU A 41 6.76 -5.04 -5.92
CA GLU A 41 8.09 -4.91 -5.33
C GLU A 41 8.78 -6.24 -5.02
N LYS A 42 8.21 -7.35 -5.47
CA LYS A 42 8.79 -8.66 -5.19
C LYS A 42 10.22 -8.77 -5.75
N LYS A 43 11.02 -9.58 -5.08
CA LYS A 43 12.41 -9.80 -5.48
C LYS A 43 12.62 -11.27 -5.83
N TYR A 44 13.26 -11.53 -6.97
CA TYR A 44 13.57 -12.91 -7.35
C TYR A 44 14.89 -13.35 -6.74
N VAL A 45 14.88 -14.53 -6.13
CA VAL A 45 16.08 -15.08 -5.53
C VAL A 45 16.49 -16.30 -6.34
N ALA A 46 17.34 -16.06 -7.34
CA ALA A 46 17.66 -17.05 -8.36
C ALA A 46 18.23 -18.35 -7.81
N THR A 47 19.16 -18.24 -6.88
CA THR A 47 19.83 -19.41 -6.32
C THR A 47 18.83 -20.42 -5.76
N LEU A 48 17.72 -19.91 -5.23
CA LEU A 48 16.72 -20.78 -4.62
C LEU A 48 15.43 -20.89 -5.45
N GLY A 49 15.36 -20.18 -6.56
CA GLY A 49 14.12 -20.11 -7.32
C GLY A 49 12.97 -19.64 -6.45
N VAL A 50 13.15 -18.50 -5.81
CA VAL A 50 12.15 -17.96 -4.90
C VAL A 50 11.81 -16.52 -5.25
N GLU A 51 10.55 -16.16 -5.11
CA GLU A 51 10.11 -14.78 -5.20
C GLU A 51 9.74 -14.30 -3.80
N VAL A 52 10.39 -13.24 -3.33
CA VAL A 52 10.08 -12.67 -2.02
C VAL A 52 9.17 -11.44 -2.15
N HIS A 53 7.99 -11.51 -1.56
CA HIS A 53 6.99 -10.44 -1.65
C HIS A 53 6.98 -9.63 -0.34
N PRO A 54 7.37 -8.35 -0.40
CA PRO A 54 7.32 -7.54 0.83
C PRO A 54 5.90 -7.06 1.08
N LEU A 55 5.21 -7.63 2.07
CA LEU A 55 3.84 -7.23 2.33
C LEU A 55 3.77 -6.32 3.55
N VAL A 56 3.57 -5.03 3.30
CA VAL A 56 3.42 -4.06 4.38
C VAL A 56 1.98 -4.00 4.85
N PHE A 57 1.80 -4.01 6.18
CA PHE A 57 0.53 -3.80 6.84
C PHE A 57 0.71 -2.62 7.82
N HIS A 58 -0.28 -1.74 7.91
CA HIS A 58 -0.20 -0.58 8.81
C HIS A 58 -0.99 -0.88 10.08
N THR A 59 -0.30 -0.90 11.19
CA THR A 59 -0.93 -1.24 12.46
C THR A 59 -0.90 -0.02 13.34
N ASN A 60 -1.63 -0.07 14.45
CA ASN A 60 -1.63 1.03 15.40
C ASN A 60 -0.26 1.21 16.07
N ARG A 61 0.60 0.18 15.96
CA ARG A 61 1.99 0.28 16.42
C ARG A 61 2.98 0.63 15.30
N GLY A 62 2.49 1.15 14.18
CA GLY A 62 3.35 1.44 13.02
C GLY A 62 3.27 0.39 11.91
N PRO A 63 4.14 0.51 10.90
CA PRO A 63 4.18 -0.44 9.78
C PRO A 63 4.93 -1.73 10.12
N ILE A 64 4.40 -2.86 9.64
CA ILE A 64 5.08 -4.14 9.79
C ILE A 64 5.17 -4.81 8.42
N LYS A 65 6.38 -5.23 8.05
CA LYS A 65 6.57 -5.84 6.75
C LYS A 65 6.80 -7.36 6.85
N PHE A 66 5.96 -8.14 6.17
CA PHE A 66 6.22 -9.57 6.01
C PHE A 66 6.85 -9.82 4.65
N ASN A 67 8.11 -10.21 4.66
CA ASN A 67 8.74 -10.71 3.44
C ASN A 67 8.36 -12.16 3.26
N VAL A 68 7.37 -12.40 2.41
CA VAL A 68 6.81 -13.73 2.21
C VAL A 68 7.55 -14.49 1.11
N TRP A 69 8.12 -15.63 1.45
CA TRP A 69 8.85 -16.42 0.46
C TRP A 69 7.89 -17.34 -0.28
N ASP A 70 7.74 -17.13 -1.58
CA ASP A 70 6.89 -17.99 -2.40
C ASP A 70 7.72 -18.79 -3.40
N THR A 71 7.51 -20.11 -3.40
CA THR A 71 8.21 -21.02 -4.31
C THR A 71 7.89 -20.77 -5.77
N ALA A 72 8.67 -21.37 -6.65
CA ALA A 72 8.33 -21.41 -8.06
C ALA A 72 7.89 -22.83 -8.47
N GLY A 73 7.24 -23.55 -7.55
CA GLY A 73 6.64 -24.84 -7.89
C GLY A 73 7.45 -26.09 -7.51
N GLN A 74 8.70 -25.91 -7.11
CA GLN A 74 9.57 -27.03 -6.76
C GLN A 74 8.95 -27.97 -5.73
N GLU A 75 8.06 -27.46 -4.89
CA GLU A 75 7.39 -28.29 -3.87
C GLU A 75 6.63 -29.48 -4.47
N LYS A 76 6.39 -29.43 -5.78
CA LYS A 76 5.67 -30.52 -6.42
C LYS A 76 6.53 -31.78 -6.49
N PHE A 77 7.85 -31.61 -6.36
CA PHE A 77 8.79 -32.70 -6.66
C PHE A 77 9.58 -33.20 -5.46
N GLY A 78 9.30 -32.62 -4.29
CA GLY A 78 9.99 -33.02 -3.08
C GLY A 78 10.07 -31.86 -2.10
N GLY A 79 10.72 -32.10 -0.96
CA GLY A 79 10.92 -31.08 0.05
C GLY A 79 11.75 -29.91 -0.44
N LEU A 80 11.70 -28.80 0.30
CA LEU A 80 12.48 -27.62 -0.10
C LEU A 80 13.84 -27.64 0.56
N ARG A 81 14.83 -27.01 -0.09
CA ARG A 81 16.18 -26.95 0.48
C ARG A 81 16.24 -26.12 1.76
N ASP A 82 17.21 -26.42 2.61
CA ASP A 82 17.36 -25.76 3.91
C ASP A 82 17.37 -24.24 3.77
N GLY A 83 18.09 -23.75 2.76
CA GLY A 83 18.21 -22.32 2.51
C GLY A 83 16.87 -21.60 2.40
N TYR A 84 15.87 -22.28 1.86
CA TYR A 84 14.51 -21.74 1.85
C TYR A 84 13.97 -21.42 3.25
N TYR A 85 14.22 -22.34 4.19
CA TYR A 85 13.66 -22.24 5.53
C TYR A 85 14.52 -21.36 6.44
N ILE A 86 15.80 -21.26 6.12
CA ILE A 86 16.79 -20.61 6.98
C ILE A 86 16.43 -19.16 7.36
N GLN A 87 16.43 -18.90 8.67
CA GLN A 87 16.16 -17.57 9.24
C GLN A 87 14.70 -17.15 9.12
N ALA A 88 13.82 -18.07 8.74
CA ALA A 88 12.39 -17.75 8.74
C ALA A 88 11.98 -17.40 10.16
N GLN A 89 11.12 -16.41 10.29
CA GLN A 89 10.69 -15.98 11.61
C GLN A 89 9.24 -16.33 11.89
N CYS A 90 8.52 -16.67 10.83
CA CYS A 90 7.14 -17.12 10.96
C CYS A 90 6.74 -17.88 9.70
N ALA A 91 5.55 -18.46 9.69
CA ALA A 91 5.12 -19.24 8.53
C ALA A 91 3.60 -19.40 8.42
N ILE A 92 3.19 -19.69 7.20
CA ILE A 92 1.83 -20.10 6.90
C ILE A 92 1.93 -21.46 6.22
N ILE A 93 1.14 -22.42 6.67
CA ILE A 93 0.98 -23.67 5.96
C ILE A 93 -0.40 -23.72 5.34
N MET A 94 -0.43 -23.99 4.04
CA MET A 94 -1.67 -23.96 3.29
C MET A 94 -2.01 -25.33 2.73
N PHE A 95 -3.31 -25.65 2.75
CA PHE A 95 -3.82 -26.81 2.04
C PHE A 95 -5.09 -26.40 1.31
N ASP A 96 -5.59 -27.28 0.46
CA ASP A 96 -6.77 -27.04 -0.34
C ASP A 96 -7.95 -27.78 0.28
N VAL A 97 -8.98 -27.05 0.69
CA VAL A 97 -10.16 -27.63 1.33
C VAL A 97 -10.95 -28.51 0.37
N THR A 98 -10.62 -28.45 -0.92
CA THR A 98 -11.25 -29.34 -1.89
C THR A 98 -10.33 -30.51 -2.26
N SER A 99 -9.30 -30.75 -1.44
CA SER A 99 -8.37 -31.85 -1.70
C SER A 99 -7.84 -32.46 -0.40
N ARG A 100 -8.48 -33.53 0.04
CA ARG A 100 -8.12 -34.20 1.29
C ARG A 100 -6.63 -34.48 1.39
N VAL A 101 -6.01 -34.89 0.28
CA VAL A 101 -4.58 -35.18 0.32
C VAL A 101 -3.71 -33.99 0.75
N THR A 102 -4.03 -32.78 0.29
CA THR A 102 -3.24 -31.61 0.72
C THR A 102 -3.30 -31.44 2.24
N TYR A 103 -4.48 -31.64 2.82
CA TYR A 103 -4.58 -31.63 4.28
C TYR A 103 -3.74 -32.73 4.93
N LYS A 104 -3.74 -33.91 4.30
CA LYS A 104 -3.01 -35.05 4.83
C LYS A 104 -1.51 -34.83 4.84
N ASN A 105 -1.02 -34.03 3.91
CA ASN A 105 0.40 -33.70 3.82
C ASN A 105 0.87 -32.60 4.78
N VAL A 106 -0.09 -31.95 5.43
CA VAL A 106 0.22 -30.84 6.34
C VAL A 106 1.27 -31.18 7.40
N PRO A 107 1.11 -32.34 8.07
CA PRO A 107 2.09 -32.80 9.07
C PRO A 107 3.52 -32.85 8.53
N ASN A 108 3.70 -33.32 7.30
CA ASN A 108 5.02 -33.35 6.68
C ASN A 108 5.66 -31.96 6.56
N TRP A 109 4.85 -30.98 6.15
CA TRP A 109 5.32 -29.61 6.01
C TRP A 109 5.71 -29.05 7.37
N HIS A 110 4.85 -29.26 8.37
CA HIS A 110 5.19 -28.84 9.72
C HIS A 110 6.55 -29.44 10.10
N ARG A 111 6.70 -30.75 9.93
CA ARG A 111 7.95 -31.43 10.31
C ARG A 111 9.19 -30.79 9.69
N ASP A 112 9.17 -30.65 8.36
CA ASP A 112 10.29 -30.05 7.62
C ASP A 112 10.58 -28.64 8.10
N LEU A 113 9.52 -27.85 8.26
CA LEU A 113 9.62 -26.47 8.71
C LEU A 113 10.31 -26.38 10.07
N VAL A 114 9.76 -27.14 11.01
CA VAL A 114 10.21 -27.15 12.40
C VAL A 114 11.61 -27.74 12.57
N ARG A 115 11.98 -28.70 11.73
CA ARG A 115 13.33 -29.26 11.75
C ARG A 115 14.38 -28.16 11.53
N VAL A 116 14.00 -27.10 10.82
CA VAL A 116 14.93 -26.03 10.49
C VAL A 116 14.68 -24.76 11.32
N CYS A 117 13.42 -24.52 11.63
CA CYS A 117 13.02 -23.26 12.22
C CYS A 117 12.57 -23.35 13.67
N GLU A 118 12.08 -24.53 14.09
CA GLU A 118 11.62 -24.75 15.46
C GLU A 118 10.33 -24.00 15.79
N ASN A 119 10.19 -23.64 17.06
CA ASN A 119 9.04 -22.88 17.58
C ASN A 119 8.97 -21.43 17.09
N ILE A 120 8.72 -21.27 15.79
CA ILE A 120 8.30 -19.99 15.24
C ILE A 120 6.78 -20.06 15.18
N PRO A 121 6.12 -18.89 15.23
CA PRO A 121 4.66 -18.79 15.08
C PRO A 121 4.23 -19.32 13.71
N ILE A 122 3.17 -20.13 13.66
CA ILE A 122 2.69 -20.69 12.41
C ILE A 122 1.17 -20.64 12.28
N VAL A 123 0.68 -20.20 11.13
CA VAL A 123 -0.75 -20.24 10.86
C VAL A 123 -1.08 -21.33 9.85
N LEU A 124 -2.14 -22.08 10.11
CA LEU A 124 -2.62 -23.08 9.17
C LEU A 124 -3.83 -22.49 8.46
N CYS A 125 -3.78 -22.52 7.12
CA CYS A 125 -4.86 -22.01 6.28
C CYS A 125 -5.43 -23.06 5.33
N GLY A 126 -6.75 -23.22 5.37
CA GLY A 126 -7.45 -24.01 4.37
C GLY A 126 -7.98 -23.09 3.28
N ASN A 127 -7.39 -23.17 2.09
CA ASN A 127 -7.75 -22.26 1.02
C ASN A 127 -8.87 -22.77 0.11
N LYS A 128 -9.45 -21.87 -0.68
CA LYS A 128 -10.47 -22.19 -1.67
C LYS A 128 -11.87 -22.44 -1.09
N VAL A 129 -12.19 -21.82 0.03
CA VAL A 129 -13.50 -22.03 0.66
C VAL A 129 -14.65 -21.37 -0.12
N ASP A 130 -14.31 -20.63 -1.16
CA ASP A 130 -15.33 -20.08 -2.06
C ASP A 130 -16.04 -21.17 -2.87
N ILE A 131 -15.52 -22.39 -2.80
CA ILE A 131 -16.05 -23.49 -3.61
C ILE A 131 -17.12 -24.25 -2.85
N LYS A 132 -18.30 -24.37 -3.46
CA LYS A 132 -19.44 -25.00 -2.81
C LYS A 132 -19.13 -26.43 -2.35
N ASP A 133 -18.54 -27.24 -3.24
CA ASP A 133 -18.28 -28.64 -2.93
C ASP A 133 -17.01 -28.84 -2.09
N ARG A 134 -17.13 -28.58 -0.79
CA ARG A 134 -15.99 -28.60 0.11
C ARG A 134 -15.73 -29.99 0.67
N LYS A 135 -14.48 -30.43 0.57
CA LYS A 135 -14.09 -31.76 1.02
C LYS A 135 -13.62 -31.78 2.48
N VAL A 136 -12.63 -30.95 2.81
CA VAL A 136 -12.11 -30.90 4.16
C VAL A 136 -12.85 -29.85 4.98
N LYS A 137 -13.73 -30.31 5.87
CA LYS A 137 -14.56 -29.44 6.69
C LYS A 137 -13.95 -29.13 8.06
N ALA A 138 -14.56 -28.18 8.75
CA ALA A 138 -14.07 -27.71 10.05
C ALA A 138 -13.85 -28.84 11.06
N LYS A 139 -14.81 -29.76 11.12
CA LYS A 139 -14.74 -30.86 12.10
C LYS A 139 -13.61 -31.84 11.81
N SER A 140 -13.04 -31.77 10.61
CA SER A 140 -11.93 -32.64 10.24
C SER A 140 -10.60 -31.93 10.40
N ILE A 141 -10.65 -30.62 10.62
CA ILE A 141 -9.44 -29.81 10.70
C ILE A 141 -8.95 -29.78 12.15
N VAL A 142 -7.90 -30.55 12.43
CA VAL A 142 -7.52 -30.83 13.80
C VAL A 142 -6.01 -30.68 14.05
N PHE A 143 -5.22 -30.57 13.00
CA PHE A 143 -3.77 -30.50 13.15
C PHE A 143 -3.32 -29.31 14.02
N HIS A 144 -3.92 -28.14 13.81
CA HIS A 144 -3.48 -26.94 14.48
C HIS A 144 -3.69 -27.02 16.00
N ARG A 145 -4.79 -27.65 16.40
CA ARG A 145 -5.11 -27.78 17.82
C ARG A 145 -4.03 -28.56 18.56
N LYS A 146 -3.37 -29.47 17.84
CA LYS A 146 -2.35 -30.33 18.44
C LYS A 146 -1.00 -29.64 18.66
N LYS A 147 -0.65 -28.72 17.77
CA LYS A 147 0.72 -28.24 17.70
C LYS A 147 0.91 -26.79 18.16
N ASN A 148 -0.16 -26.17 18.65
CA ASN A 148 -0.16 -24.76 19.10
C ASN A 148 -0.56 -23.76 18.00
N LEU A 149 -0.92 -24.28 16.82
CA LEU A 149 -1.17 -23.42 15.67
C LEU A 149 -2.59 -22.84 15.59
N GLN A 150 -2.69 -21.63 15.03
CA GLN A 150 -3.97 -20.99 14.79
C GLN A 150 -4.52 -21.42 13.43
N TYR A 151 -5.84 -21.56 13.30
CA TYR A 151 -6.44 -21.87 12.00
C TYR A 151 -7.39 -20.79 11.44
N TYR A 152 -7.33 -20.60 10.12
CA TYR A 152 -8.30 -19.77 9.37
C TYR A 152 -8.70 -20.40 8.04
N ASP A 153 -10.00 -20.50 7.79
CA ASP A 153 -10.49 -20.67 6.44
C ASP A 153 -10.06 -19.43 5.66
N ILE A 154 -9.60 -19.61 4.42
CA ILE A 154 -9.36 -18.48 3.54
C ILE A 154 -9.79 -18.78 2.11
N SER A 155 -9.96 -17.72 1.33
CA SER A 155 -10.19 -17.85 -0.11
C SER A 155 -9.34 -16.79 -0.79
N ALA A 156 -8.25 -17.22 -1.40
CA ALA A 156 -7.35 -16.28 -2.05
C ALA A 156 -8.03 -15.48 -3.16
N LYS A 157 -8.84 -16.17 -3.96
CA LYS A 157 -9.51 -15.56 -5.11
C LYS A 157 -10.54 -14.49 -4.76
N SER A 158 -11.11 -14.58 -3.58
CA SER A 158 -12.13 -13.61 -3.15
C SER A 158 -11.59 -12.63 -2.11
N ASN A 159 -10.31 -12.78 -1.76
CA ASN A 159 -9.70 -12.01 -0.67
C ASN A 159 -10.27 -12.38 0.72
N TYR A 160 -11.07 -13.44 0.81
CA TYR A 160 -11.73 -13.78 2.07
C TYR A 160 -10.73 -14.15 3.18
N ASN A 161 -10.84 -13.45 4.32
CA ASN A 161 -9.95 -13.61 5.47
C ASN A 161 -8.47 -13.37 5.15
N PHE A 162 -8.20 -12.65 4.07
CA PHE A 162 -6.82 -12.46 3.63
C PHE A 162 -5.92 -11.97 4.76
N GLU A 163 -6.42 -11.03 5.55
CA GLU A 163 -5.57 -10.35 6.52
C GLU A 163 -5.40 -11.15 7.83
N LYS A 164 -6.27 -12.12 8.08
CA LYS A 164 -6.28 -12.81 9.38
C LYS A 164 -4.97 -13.52 9.73
N PRO A 165 -4.42 -14.33 8.81
CA PRO A 165 -3.12 -14.94 9.15
C PRO A 165 -2.06 -13.91 9.53
N PHE A 166 -2.00 -12.78 8.84
CA PHE A 166 -0.94 -11.81 9.08
C PHE A 166 -1.17 -11.09 10.41
N LEU A 167 -2.43 -10.85 10.73
CA LEU A 167 -2.75 -10.19 12.00
C LEU A 167 -2.38 -11.07 13.19
N TRP A 168 -2.74 -12.36 13.13
CA TRP A 168 -2.40 -13.27 14.22
C TRP A 168 -0.90 -13.31 14.41
N LEU A 169 -0.15 -13.41 13.32
CA LEU A 169 1.31 -13.48 13.40
C LEU A 169 1.95 -12.22 13.97
N ALA A 170 1.45 -11.05 13.54
CA ALA A 170 1.93 -9.77 14.07
C ALA A 170 1.73 -9.70 15.59
N ARG A 171 0.53 -10.02 16.04
CA ARG A 171 0.28 -10.08 17.46
C ARG A 171 1.29 -11.00 18.16
N LYS A 172 1.52 -12.19 17.63
CA LYS A 172 2.43 -13.15 18.29
C LYS A 172 3.87 -12.65 18.34
N LEU A 173 4.33 -12.05 17.25
CA LEU A 173 5.75 -11.71 17.08
C LEU A 173 6.12 -10.45 17.84
N ILE A 174 5.19 -9.51 17.92
CA ILE A 174 5.40 -8.26 18.64
C ILE A 174 5.06 -8.44 20.13
N GLY A 175 4.18 -9.40 20.42
CA GLY A 175 3.80 -9.67 21.79
C GLY A 175 2.82 -8.62 22.28
N ASP A 176 1.82 -8.36 21.45
CA ASP A 176 0.80 -7.36 21.75
C ASP A 176 -0.55 -7.87 21.26
N PRO A 177 -1.35 -8.41 22.17
CA PRO A 177 -2.65 -9.01 21.86
C PRO A 177 -3.64 -7.98 21.33
N ASN A 178 -3.35 -6.70 21.55
CA ASN A 178 -4.24 -5.60 21.14
C ASN A 178 -3.83 -4.91 19.84
N LEU A 179 -2.86 -5.49 19.15
CA LEU A 179 -2.40 -4.95 17.88
C LEU A 179 -3.54 -5.01 16.86
N GLU A 180 -3.73 -3.92 16.12
CA GLU A 180 -4.77 -3.84 15.11
C GLU A 180 -4.21 -3.31 13.80
N PHE A 181 -4.81 -3.70 12.68
CA PHE A 181 -4.49 -3.10 11.40
C PHE A 181 -5.34 -1.83 11.25
N VAL A 182 -4.70 -0.69 11.01
CA VAL A 182 -5.46 0.55 10.82
C VAL A 182 -6.33 0.49 9.56
N ALA A 183 -5.76 -0.05 8.49
CA ALA A 183 -6.51 -0.27 7.25
C ALA A 183 -6.00 -1.50 6.47
N MET A 184 -6.88 -2.08 5.67
CA MET A 184 -6.52 -3.17 4.76
C MET A 184 -5.57 -2.70 3.66
N PRO A 185 -4.54 -3.50 3.35
CA PRO A 185 -3.66 -3.12 2.23
C PRO A 185 -4.46 -3.13 0.94
N ALA A 186 -3.95 -2.48 -0.11
CA ALA A 186 -4.60 -2.49 -1.41
C ALA A 186 -4.49 -3.88 -2.02
N LEU A 187 -5.62 -4.50 -2.30
CA LEU A 187 -5.63 -5.86 -2.83
C LEU A 187 -6.23 -5.94 -4.22
N ALA A 188 -5.78 -6.92 -5.00
CA ALA A 188 -6.44 -7.26 -6.26
C ALA A 188 -7.92 -7.58 -6.03
N PRO A 189 -8.80 -6.96 -6.84
CA PRO A 189 -10.25 -7.10 -6.67
C PRO A 189 -10.64 -8.58 -6.71
N PRO A 190 -11.65 -8.98 -5.93
CA PRO A 190 -12.09 -10.38 -5.88
C PRO A 190 -12.43 -10.89 -7.27
N GLU A 191 -11.87 -12.05 -7.64
CA GLU A 191 -12.14 -12.66 -8.93
C GLU A 191 -13.41 -13.53 -8.87
N VAL A 192 -13.70 -14.05 -7.68
CA VAL A 192 -14.91 -14.84 -7.48
C VAL A 192 -15.64 -14.27 -6.28
N VAL A 193 -16.94 -14.52 -6.22
CA VAL A 193 -17.74 -14.06 -5.09
C VAL A 193 -17.60 -15.05 -3.94
N MET A 194 -17.35 -14.53 -2.73
CA MET A 194 -17.43 -15.37 -1.53
C MET A 194 -18.79 -15.16 -0.88
N ASP A 195 -19.67 -16.14 -1.04
CA ASP A 195 -21.03 -16.07 -0.51
C ASP A 195 -21.05 -15.73 0.98
N PRO A 196 -21.65 -14.59 1.33
CA PRO A 196 -21.78 -14.14 2.72
C PRO A 196 -22.52 -15.16 3.59
N ALA A 197 -23.52 -15.81 3.00
CA ALA A 197 -24.25 -16.87 3.69
C ALA A 197 -23.31 -18.05 4.02
N LEU A 198 -22.45 -18.38 3.07
CA LEU A 198 -21.46 -19.44 3.25
C LEU A 198 -20.48 -19.05 4.37
N ALA A 199 -19.84 -17.90 4.22
CA ALA A 199 -18.88 -17.39 5.18
C ALA A 199 -19.43 -17.40 6.61
N ALA A 200 -20.73 -17.12 6.74
CA ALA A 200 -21.40 -17.16 8.03
C ALA A 200 -21.40 -18.58 8.58
N GLN A 201 -21.82 -19.53 7.75
CA GLN A 201 -21.88 -20.93 8.13
C GLN A 201 -20.51 -21.49 8.48
N TYR A 202 -19.55 -21.32 7.57
CA TYR A 202 -18.19 -21.84 7.77
C TYR A 202 -17.56 -21.33 9.05
N GLU A 203 -17.92 -20.12 9.46
CA GLU A 203 -17.40 -19.52 10.69
C GLU A 203 -18.03 -20.19 11.91
N HIS A 204 -19.31 -20.53 11.79
CA HIS A 204 -20.03 -21.20 12.86
C HIS A 204 -19.45 -22.59 13.10
N ASP A 205 -19.30 -23.34 12.01
CA ASP A 205 -18.74 -24.68 12.08
C ASP A 205 -17.37 -24.68 12.76
N LEU A 206 -16.53 -23.73 12.39
CA LEU A 206 -15.20 -23.64 12.99
C LEU A 206 -15.26 -23.41 14.49
N GLU A 207 -16.00 -22.39 14.90
CA GLU A 207 -16.18 -22.08 16.32
C GLU A 207 -16.57 -23.34 17.11
N VAL A 208 -17.67 -23.97 16.68
CA VAL A 208 -18.15 -25.18 17.31
C VAL A 208 -17.07 -26.27 17.37
N ALA A 209 -16.40 -26.51 16.25
CA ALA A 209 -15.36 -27.54 16.21
C ALA A 209 -14.23 -27.23 17.20
N GLN A 210 -13.91 -25.94 17.37
CA GLN A 210 -12.86 -25.53 18.30
C GLN A 210 -13.24 -25.86 19.74
N THR A 211 -14.54 -25.92 20.02
CA THR A 211 -15.02 -26.27 21.34
C THR A 211 -15.41 -27.75 21.44
N THR A 212 -14.90 -28.57 20.52
CA THR A 212 -15.28 -29.98 20.46
C THR A 212 -14.28 -30.92 21.16
N ALA A 213 -12.99 -30.72 20.91
CA ALA A 213 -11.95 -31.55 21.52
C ALA A 213 -12.08 -33.01 21.09
N GLY B 7 27.23 -4.80 13.28
CA GLY B 7 27.95 -5.40 12.16
C GLY B 7 27.03 -6.15 11.20
N SER B 8 25.81 -6.42 11.66
CA SER B 8 24.85 -7.15 10.85
C SER B 8 24.51 -6.40 9.57
N TRP B 9 24.24 -7.14 8.52
CA TRP B 9 23.92 -6.55 7.22
C TRP B 9 22.70 -7.25 6.62
N GLU B 10 21.84 -6.47 5.98
CA GLU B 10 20.69 -7.03 5.29
C GLU B 10 21.10 -7.49 3.90
N CYS B 11 20.64 -8.67 3.48
CA CYS B 11 20.99 -9.18 2.17
C CYS B 11 20.22 -8.45 1.07
N PRO B 12 20.94 -7.86 0.12
CA PRO B 12 20.32 -7.09 -0.96
C PRO B 12 19.43 -7.98 -1.82
N VAL B 13 19.73 -9.27 -1.86
CA VAL B 13 19.01 -10.20 -2.73
C VAL B 13 17.70 -10.73 -2.13
N CYS B 14 17.75 -11.22 -0.88
CA CYS B 14 16.57 -11.86 -0.30
C CYS B 14 16.06 -11.21 0.99
N CYS B 15 16.81 -10.24 1.50
CA CYS B 15 16.39 -9.41 2.65
C CYS B 15 16.62 -10.02 4.03
N VAL B 16 17.22 -11.21 4.08
CA VAL B 16 17.53 -11.87 5.35
C VAL B 16 18.64 -11.09 6.10
N SER B 17 18.48 -10.94 7.41
CA SER B 17 19.54 -10.32 8.21
C SER B 17 20.65 -11.33 8.52
N ASN B 18 21.89 -10.93 8.26
CA ASN B 18 23.05 -11.78 8.48
C ASN B 18 23.98 -11.20 9.54
N LYS B 19 24.95 -11.99 9.99
CA LYS B 19 25.96 -11.51 10.92
C LYS B 19 27.13 -10.94 10.13
N ALA B 20 28.04 -10.26 10.83
CA ALA B 20 29.25 -9.72 10.19
C ALA B 20 30.24 -10.83 9.90
N GLU B 21 30.18 -11.91 10.68
CA GLU B 21 31.08 -13.05 10.50
C GLU B 21 30.76 -13.83 9.22
N ASP B 22 29.62 -13.54 8.62
CA ASP B 22 29.22 -14.21 7.39
C ASP B 22 29.61 -13.38 6.16
N SER B 23 30.47 -13.95 5.32
CA SER B 23 30.92 -13.28 4.10
C SER B 23 29.96 -13.56 2.96
N ARG B 24 28.79 -14.10 3.30
CA ARG B 24 27.74 -14.34 2.31
C ARG B 24 26.49 -14.89 3.01
N CYS B 25 25.33 -14.65 2.40
CA CYS B 25 24.03 -14.93 3.02
C CYS B 25 23.78 -16.42 3.36
N VAL B 26 23.46 -16.67 4.64
CA VAL B 26 23.18 -18.02 5.13
C VAL B 26 21.99 -18.66 4.41
N SER B 27 21.13 -17.82 3.84
CA SER B 27 19.93 -18.33 3.17
C SER B 27 20.13 -18.53 1.67
N CYS B 28 20.56 -17.47 0.98
CA CYS B 28 20.64 -17.52 -0.49
C CYS B 28 22.08 -17.56 -1.00
N THR B 29 23.05 -17.47 -0.09
CA THR B 29 24.48 -17.50 -0.40
C THR B 29 25.02 -16.24 -1.10
N SER B 30 24.18 -15.24 -1.27
CA SER B 30 24.59 -14.00 -1.92
C SER B 30 25.67 -13.27 -1.12
N GLU B 31 26.61 -12.63 -1.82
CA GLU B 31 27.70 -11.91 -1.18
C GLU B 31 27.23 -10.80 -0.24
N LYS B 32 28.06 -10.48 0.75
CA LYS B 32 27.85 -9.30 1.57
C LYS B 32 28.42 -8.08 0.84
N PRO B 33 27.60 -7.01 0.72
CA PRO B 33 28.02 -5.77 0.06
C PRO B 33 29.35 -5.25 0.61
N GLN C 13 10.79 2.30 -12.52
CA GLN C 13 9.45 2.65 -12.06
C GLN C 13 9.01 4.00 -12.61
N VAL C 14 7.70 4.21 -12.66
CA VAL C 14 7.15 5.49 -13.09
C VAL C 14 6.80 6.33 -11.87
N GLN C 15 7.48 7.46 -11.73
CA GLN C 15 7.22 8.39 -10.63
C GLN C 15 7.30 9.85 -11.11
N PHE C 16 6.55 10.72 -10.45
CA PHE C 16 6.48 12.13 -10.81
C PHE C 16 6.55 12.98 -9.54
N LYS C 17 7.38 14.03 -9.56
CA LYS C 17 7.35 15.02 -8.50
C LYS C 17 6.07 15.85 -8.62
N LEU C 18 5.27 15.83 -7.56
CA LEU C 18 4.01 16.55 -7.51
C LEU C 18 4.12 17.57 -6.39
N VAL C 19 4.00 18.86 -6.72
CA VAL C 19 4.00 19.89 -5.69
C VAL C 19 2.57 20.22 -5.27
N LEU C 20 2.36 20.22 -3.97
CA LEU C 20 1.06 20.50 -3.38
C LEU C 20 1.10 21.91 -2.78
N VAL C 21 0.33 22.84 -3.35
CA VAL C 21 0.36 24.22 -2.86
C VAL C 21 -1.03 24.83 -2.64
N GLY C 22 -1.06 26.01 -2.03
CA GLY C 22 -2.30 26.65 -1.64
C GLY C 22 -2.09 27.29 -0.27
N ASP C 23 -2.96 28.23 0.10
CA ASP C 23 -2.84 28.95 1.36
C ASP C 23 -2.60 28.03 2.55
N GLY C 24 -1.87 28.52 3.55
CA GLY C 24 -1.73 27.84 4.82
C GLY C 24 -3.10 27.63 5.42
N GLY C 25 -3.29 26.51 6.12
CA GLY C 25 -4.55 26.24 6.78
C GLY C 25 -5.62 25.61 5.91
N THR C 26 -5.31 25.39 4.63
CA THR C 26 -6.31 24.85 3.69
C THR C 26 -6.47 23.33 3.77
N GLY C 27 -5.48 22.65 4.35
CA GLY C 27 -5.58 21.23 4.63
C GLY C 27 -4.68 20.35 3.78
N LYS C 28 -3.58 20.90 3.30
CA LYS C 28 -2.70 20.18 2.39
C LYS C 28 -2.02 19.02 3.09
N THR C 29 -1.57 19.28 4.31
CA THR C 29 -0.89 18.27 5.12
C THR C 29 -1.83 17.15 5.52
N THR C 30 -3.02 17.52 6.00
CA THR C 30 -4.06 16.55 6.32
C THR C 30 -4.33 15.65 5.10
N PHE C 31 -4.45 16.28 3.93
CA PHE C 31 -4.77 15.59 2.69
C PHE C 31 -3.72 14.56 2.32
N VAL C 32 -2.47 14.99 2.21
CA VAL C 32 -1.41 14.08 1.79
C VAL C 32 -1.21 12.95 2.80
N LYS C 33 -1.43 13.23 4.07
CA LYS C 33 -1.23 12.24 5.12
C LYS C 33 -2.27 11.14 5.08
N ARG C 34 -3.30 11.26 4.25
CA ARG C 34 -4.31 10.20 4.19
C ARG C 34 -3.64 8.90 3.75
N HIS C 35 -2.67 9.03 2.84
CA HIS C 35 -1.96 7.86 2.29
C HIS C 35 -0.98 7.28 3.31
N LEU C 36 -1.30 6.11 3.86
CA LEU C 36 -0.55 5.59 5.00
C LEU C 36 0.89 5.25 4.66
N THR C 37 1.10 4.61 3.51
CA THR C 37 2.45 4.25 3.12
C THR C 37 3.25 5.49 2.77
N GLY C 38 2.58 6.48 2.17
CA GLY C 38 3.22 7.73 1.84
C GLY C 38 3.72 8.38 3.12
N GLU C 39 2.86 8.36 4.14
CA GLU C 39 3.24 8.90 5.44
C GLU C 39 4.39 8.13 6.09
N SER C 40 4.38 6.79 6.03
CA SER C 40 5.43 6.02 6.72
C SER C 40 6.79 6.06 6.01
N GLU C 41 6.78 6.30 4.70
CA GLU C 41 8.01 6.34 3.88
C GLU C 41 8.41 7.77 3.42
N LYS C 42 7.76 8.79 3.97
CA LYS C 42 8.08 10.17 3.64
C LYS C 42 9.54 10.50 3.95
N LYS C 43 10.14 11.33 3.10
CA LYS C 43 11.50 11.80 3.36
C LYS C 43 11.48 13.28 3.70
N TYR C 44 12.30 13.68 4.66
CA TYR C 44 12.47 15.09 4.97
C TYR C 44 13.61 15.68 4.13
N VAL C 45 13.36 16.85 3.54
CA VAL C 45 14.38 17.55 2.78
C VAL C 45 14.70 18.85 3.51
N ALA C 46 15.77 18.82 4.30
CA ALA C 46 16.06 19.86 5.29
C ALA C 46 16.39 21.20 4.66
N THR C 47 17.14 21.17 3.56
CA THR C 47 17.51 22.40 2.86
C THR C 47 16.29 23.26 2.51
N LEU C 48 15.18 22.63 2.21
CA LEU C 48 13.98 23.37 1.80
C LEU C 48 12.85 23.27 2.82
N GLY C 49 13.07 22.55 3.91
CA GLY C 49 12.03 22.35 4.89
C GLY C 49 10.77 21.76 4.26
N VAL C 50 10.93 20.61 3.62
CA VAL C 50 9.84 19.93 2.91
C VAL C 50 9.83 18.43 3.19
N GLU C 51 8.64 17.86 3.27
CA GLU C 51 8.49 16.41 3.40
C GLU C 51 7.95 15.87 2.08
N VAL C 52 8.69 14.93 1.50
CA VAL C 52 8.26 14.26 0.26
C VAL C 52 7.61 12.92 0.59
N HIS C 53 6.32 12.81 0.27
CA HIS C 53 5.53 11.60 0.51
C HIS C 53 5.43 10.77 -0.79
N PRO C 54 5.99 9.55 -0.80
CA PRO C 54 5.84 8.70 -1.99
C PRO C 54 4.45 8.02 -2.00
N LEU C 55 3.54 8.50 -2.84
CA LEU C 55 2.21 7.90 -2.91
C LEU C 55 2.08 7.00 -4.13
N VAL C 56 2.25 5.70 -3.90
CA VAL C 56 2.04 4.70 -4.94
C VAL C 56 0.55 4.41 -5.17
N PHE C 57 0.14 4.42 -6.44
CA PHE C 57 -1.20 3.96 -6.85
C PHE C 57 -1.03 2.80 -7.83
N HIS C 58 -1.96 1.85 -7.81
CA HIS C 58 -1.87 0.68 -8.69
C HIS C 58 -2.88 0.80 -9.81
N THR C 59 -2.37 0.97 -11.03
CA THR C 59 -3.23 1.20 -12.16
C THR C 59 -3.27 -0.06 -13.01
N ASN C 60 -4.29 -0.16 -13.86
CA ASN C 60 -4.37 -1.26 -14.81
C ASN C 60 -3.14 -1.35 -15.71
N ARG C 61 -2.30 -0.32 -15.69
CA ARG C 61 -1.05 -0.36 -16.42
C ARG C 61 0.21 -0.36 -15.55
N GLY C 62 0.07 -0.81 -14.30
CA GLY C 62 1.18 -0.87 -13.37
C GLY C 62 1.16 0.20 -12.30
N PRO C 63 2.15 0.15 -11.38
CA PRO C 63 2.31 1.12 -10.28
C PRO C 63 2.77 2.49 -10.78
N ILE C 64 2.16 3.54 -10.26
CA ILE C 64 2.65 4.90 -10.49
C ILE C 64 2.86 5.59 -9.16
N LYS C 65 4.05 6.17 -8.98
CA LYS C 65 4.40 6.87 -7.76
C LYS C 65 4.32 8.39 -7.92
N PHE C 66 3.48 9.04 -7.12
CA PHE C 66 3.50 10.50 -7.02
C PHE C 66 4.32 10.90 -5.79
N ASN C 67 5.51 11.45 -6.03
CA ASN C 67 6.29 12.02 -4.93
C ASN C 67 5.73 13.41 -4.60
N VAL C 68 4.93 13.49 -3.54
CA VAL C 68 4.22 14.70 -3.18
C VAL C 68 5.02 15.58 -2.22
N TRP C 69 5.25 16.83 -2.61
CA TRP C 69 6.02 17.76 -1.80
C TRP C 69 5.09 18.58 -0.91
N ASP C 70 5.11 18.32 0.40
CA ASP C 70 4.32 19.08 1.36
C ASP C 70 5.23 20.03 2.15
N THR C 71 4.80 21.29 2.27
CA THR C 71 5.54 22.30 3.02
C THR C 71 5.54 22.03 4.52
N ALA C 72 6.49 22.66 5.21
CA ALA C 72 6.45 22.75 6.66
C ALA C 72 5.80 24.07 7.10
N GLY C 73 4.89 24.60 6.30
CA GLY C 73 4.08 25.74 6.72
C GLY C 73 4.60 27.12 6.31
N GLN C 74 5.74 27.14 5.64
CA GLN C 74 6.36 28.40 5.20
C GLN C 74 5.43 29.24 4.33
N GLU C 75 4.47 28.60 3.65
CA GLU C 75 3.57 29.33 2.75
C GLU C 75 2.79 30.43 3.49
N LYS C 76 2.77 30.35 4.80
CA LYS C 76 2.03 31.34 5.59
C LYS C 76 2.69 32.72 5.54
N PHE C 77 3.99 32.77 5.22
CA PHE C 77 4.74 34.02 5.34
C PHE C 77 5.25 34.58 4.01
N GLY C 78 4.79 34.01 2.91
CA GLY C 78 5.24 34.45 1.60
C GLY C 78 5.16 33.34 0.57
N GLY C 79 5.78 33.59 -0.59
CA GLY C 79 5.87 32.59 -1.64
C GLY C 79 6.93 31.56 -1.33
N LEU C 80 6.89 30.43 -2.04
CA LEU C 80 7.86 29.37 -1.82
C LEU C 80 9.07 29.56 -2.72
N ARG C 81 10.22 29.03 -2.30
CA ARG C 81 11.47 29.20 -3.06
C ARG C 81 11.49 28.37 -4.35
N ASP C 82 12.26 28.84 -5.33
CA ASP C 82 12.36 28.18 -6.63
C ASP C 82 12.60 26.66 -6.50
N GLY C 83 13.58 26.29 -5.69
CA GLY C 83 13.96 24.89 -5.53
C GLY C 83 12.80 23.99 -5.17
N TYR C 84 11.76 24.57 -4.60
CA TYR C 84 10.56 23.81 -4.26
C TYR C 84 9.77 23.41 -5.52
N TYR C 85 9.71 24.32 -6.48
CA TYR C 85 8.94 24.12 -7.71
C TYR C 85 9.73 23.37 -8.78
N ILE C 86 11.05 23.50 -8.72
CA ILE C 86 11.94 23.02 -9.77
C ILE C 86 11.73 21.52 -10.06
N GLN C 87 11.54 21.20 -11.34
CA GLN C 87 11.39 19.82 -11.81
C GLN C 87 10.07 19.17 -11.38
N ALA C 88 9.15 19.97 -10.85
CA ALA C 88 7.79 19.49 -10.59
C ALA C 88 7.23 19.03 -11.93
N GLN C 89 6.51 17.92 -11.93
CA GLN C 89 5.97 17.41 -13.19
C GLN C 89 4.47 17.57 -13.24
N CYS C 90 3.89 17.92 -12.09
CA CYS C 90 2.46 18.10 -11.97
C CYS C 90 2.19 18.76 -10.64
N ALA C 91 0.98 19.28 -10.44
CA ALA C 91 0.67 19.98 -9.20
C ALA C 91 -0.78 19.89 -8.80
N ILE C 92 -1.01 20.04 -7.51
CA ILE C 92 -2.33 20.26 -6.96
C ILE C 92 -2.38 21.65 -6.29
N ILE C 93 -3.33 22.49 -6.69
CA ILE C 93 -3.59 23.70 -5.96
C ILE C 93 -4.82 23.52 -5.08
N MET C 94 -4.64 23.70 -3.77
CA MET C 94 -5.75 23.55 -2.82
C MET C 94 -6.18 24.87 -2.18
N PHE C 95 -7.49 25.00 -1.98
CA PHE C 95 -8.09 26.07 -1.18
C PHE C 95 -9.12 25.47 -0.23
N ASP C 96 -9.67 26.31 0.63
CA ASP C 96 -10.62 25.90 1.66
C ASP C 96 -12.00 26.45 1.30
N VAL C 97 -12.96 25.56 1.07
CA VAL C 97 -14.31 25.99 0.66
C VAL C 97 -15.03 26.80 1.73
N THR C 98 -14.49 26.80 2.94
CA THR C 98 -15.06 27.59 4.02
C THR C 98 -14.37 28.96 4.14
N SER C 99 -13.40 29.22 3.27
CA SER C 99 -12.63 30.46 3.36
C SER C 99 -12.39 31.10 1.99
N ARG C 100 -13.23 32.09 1.68
CA ARG C 100 -13.21 32.72 0.36
C ARG C 100 -11.84 33.30 0.00
N VAL C 101 -11.11 33.79 0.99
CA VAL C 101 -9.78 34.34 0.72
C VAL C 101 -8.80 33.28 0.19
N THR C 102 -8.87 32.05 0.69
CA THR C 102 -7.99 31.01 0.16
C THR C 102 -8.31 30.77 -1.32
N TYR C 103 -9.58 30.82 -1.70
CA TYR C 103 -9.90 30.72 -3.12
C TYR C 103 -9.36 31.91 -3.90
N LYS C 104 -9.53 33.12 -3.34
CA LYS C 104 -9.02 34.34 -3.95
C LYS C 104 -7.52 34.30 -4.22
N ASN C 105 -6.78 33.56 -3.40
CA ASN C 105 -5.33 33.45 -3.57
C ASN C 105 -4.91 32.41 -4.60
N VAL C 106 -5.88 31.63 -5.08
CA VAL C 106 -5.59 30.58 -6.05
C VAL C 106 -4.79 31.08 -7.26
N PRO C 107 -5.24 32.18 -7.90
CA PRO C 107 -4.56 32.68 -9.10
C PRO C 107 -3.09 33.02 -8.85
N ASN C 108 -2.75 33.43 -7.63
CA ASN C 108 -1.36 33.74 -7.27
C ASN C 108 -0.45 32.52 -7.21
N TRP C 109 -0.97 31.44 -6.63
CA TRP C 109 -0.24 30.19 -6.55
C TRP C 109 -0.03 29.68 -7.97
N HIS C 110 -1.10 29.65 -8.76
CA HIS C 110 -0.99 29.30 -10.15
C HIS C 110 0.09 30.16 -10.83
N ARG C 111 0.02 31.46 -10.62
CA ARG C 111 1.02 32.38 -11.16
C ARG C 111 2.43 31.92 -10.80
N ASP C 112 2.67 31.72 -9.51
CA ASP C 112 4.01 31.38 -9.00
C ASP C 112 4.47 30.02 -9.52
N LEU C 113 3.54 29.08 -9.59
CA LEU C 113 3.81 27.73 -10.07
C LEU C 113 4.24 27.73 -11.53
N VAL C 114 3.40 28.34 -12.37
CA VAL C 114 3.62 28.39 -13.81
C VAL C 114 4.89 29.16 -14.22
N ARG C 115 5.21 30.20 -13.46
CA ARG C 115 6.46 30.92 -13.65
C ARG C 115 7.68 30.01 -13.61
N VAL C 116 7.61 28.93 -12.84
CA VAL C 116 8.73 28.02 -12.71
C VAL C 116 8.46 26.71 -13.46
N CYS C 117 7.18 26.37 -13.59
CA CYS C 117 6.74 25.13 -14.23
C CYS C 117 5.77 25.39 -15.40
N GLU C 118 6.29 25.39 -16.62
CA GLU C 118 5.47 25.79 -17.77
C GLU C 118 4.43 24.73 -18.20
N ASN C 119 3.16 25.02 -17.92
CA ASN C 119 2.05 24.22 -18.44
C ASN C 119 1.98 22.75 -17.96
N ILE C 120 2.57 22.44 -16.81
CA ILE C 120 2.42 21.10 -16.26
C ILE C 120 0.95 20.86 -15.95
N PRO C 121 0.53 19.58 -15.93
CA PRO C 121 -0.86 19.29 -15.57
C PRO C 121 -1.14 19.73 -14.13
N ILE C 122 -2.24 20.44 -13.90
CA ILE C 122 -2.57 20.93 -12.57
C ILE C 122 -4.04 20.65 -12.21
N VAL C 123 -4.27 20.16 -10.99
CA VAL C 123 -5.62 19.96 -10.47
C VAL C 123 -5.93 20.98 -9.37
N LEU C 124 -7.08 21.65 -9.49
CA LEU C 124 -7.57 22.54 -8.45
C LEU C 124 -8.49 21.78 -7.51
N CYS C 125 -8.25 21.92 -6.21
CA CYS C 125 -9.03 21.20 -5.18
C CYS C 125 -9.61 22.13 -4.10
N GLY C 126 -10.93 22.06 -3.95
CA GLY C 126 -11.63 22.76 -2.88
C GLY C 126 -11.85 21.80 -1.72
N ASN C 127 -11.06 21.95 -0.66
CA ASN C 127 -11.11 21.05 0.47
C ASN C 127 -12.14 21.40 1.53
N LYS C 128 -12.41 20.44 2.42
CA LYS C 128 -13.31 20.66 3.56
C LYS C 128 -14.79 20.73 3.19
N VAL C 129 -15.20 20.05 2.11
CA VAL C 129 -16.61 20.05 1.71
C VAL C 129 -17.49 19.35 2.74
N ASP C 130 -16.87 18.60 3.66
CA ASP C 130 -17.61 17.94 4.73
C ASP C 130 -18.24 18.95 5.68
N ILE C 131 -17.73 20.18 5.67
CA ILE C 131 -18.21 21.20 6.61
C ILE C 131 -19.51 21.79 6.06
N LYS C 132 -20.59 21.60 6.80
CA LYS C 132 -21.92 21.96 6.31
C LYS C 132 -22.04 23.41 5.90
N ASP C 133 -21.23 24.27 6.49
CA ASP C 133 -21.32 25.70 6.23
C ASP C 133 -20.34 26.14 5.15
N ARG C 134 -20.70 25.87 3.89
CA ARG C 134 -19.83 26.10 2.76
C ARG C 134 -19.93 27.55 2.25
N LYS C 135 -18.78 28.16 1.97
CA LYS C 135 -18.76 29.54 1.50
C LYS C 135 -18.46 29.62 -0.01
N VAL C 136 -17.46 28.89 -0.46
CA VAL C 136 -17.11 28.87 -1.88
C VAL C 136 -17.82 27.71 -2.55
N LYS C 137 -18.92 28.02 -3.24
CA LYS C 137 -19.74 26.99 -3.86
C LYS C 137 -19.44 26.82 -5.35
N ALA C 138 -19.97 25.73 -5.93
CA ALA C 138 -19.72 25.37 -7.33
C ALA C 138 -19.87 26.56 -8.28
N LYS C 139 -20.90 27.37 -8.07
CA LYS C 139 -21.16 28.52 -8.95
C LYS C 139 -19.99 29.50 -8.99
N SER C 140 -19.31 29.64 -7.85
CA SER C 140 -18.21 30.60 -7.73
C SER C 140 -16.85 30.05 -8.17
N ILE C 141 -16.75 28.74 -8.28
CA ILE C 141 -15.48 28.10 -8.61
C ILE C 141 -15.29 28.09 -10.13
N VAL C 142 -14.33 28.85 -10.62
CA VAL C 142 -14.29 29.19 -12.04
C VAL C 142 -12.89 29.31 -12.64
N PHE C 143 -11.88 29.43 -11.78
CA PHE C 143 -10.51 29.66 -12.21
C PHE C 143 -9.95 28.55 -13.11
N HIS C 144 -10.27 27.31 -12.79
CA HIS C 144 -9.75 26.17 -13.56
C HIS C 144 -10.15 26.21 -15.04
N ARG C 145 -11.36 26.69 -15.33
CA ARG C 145 -11.85 26.72 -16.70
C ARG C 145 -11.01 27.63 -17.58
N LYS C 146 -10.09 28.37 -16.98
CA LYS C 146 -9.25 29.31 -17.70
C LYS C 146 -7.94 28.71 -18.20
N LYS C 147 -7.15 28.16 -17.28
CA LYS C 147 -5.83 27.64 -17.66
C LYS C 147 -5.84 26.14 -17.90
N ASN C 148 -6.99 25.59 -18.29
CA ASN C 148 -7.08 24.15 -18.55
C ASN C 148 -6.80 23.32 -17.31
N LEU C 149 -7.35 23.74 -16.18
CA LEU C 149 -7.21 22.99 -14.94
C LEU C 149 -8.45 22.15 -14.69
N GLN C 150 -8.25 20.96 -14.11
CA GLN C 150 -9.36 20.13 -13.69
C GLN C 150 -9.73 20.50 -12.23
N TYR C 151 -11.01 20.42 -11.89
CA TYR C 151 -11.46 20.73 -10.53
C TYR C 151 -12.15 19.55 -9.82
N TYR C 152 -11.94 19.44 -8.51
CA TYR C 152 -12.62 18.46 -7.64
C TYR C 152 -12.93 19.03 -6.25
N ASP C 153 -14.17 18.83 -5.79
CA ASP C 153 -14.46 18.95 -4.39
C ASP C 153 -13.72 17.83 -3.67
N ILE C 154 -13.02 18.14 -2.59
CA ILE C 154 -12.46 17.10 -1.74
C ILE C 154 -12.69 17.35 -0.26
N SER C 155 -12.56 16.29 0.54
CA SER C 155 -12.58 16.38 1.99
C SER C 155 -11.52 15.44 2.55
N ALA C 156 -10.39 15.99 2.96
CA ALA C 156 -9.30 15.18 3.48
C ALA C 156 -9.71 14.35 4.69
N LYS C 157 -10.55 14.91 5.56
CA LYS C 157 -10.94 14.20 6.78
C LYS C 157 -11.83 12.98 6.53
N SER C 158 -12.66 13.03 5.49
CA SER C 158 -13.53 11.89 5.18
C SER C 158 -12.97 11.00 4.06
N ASN C 159 -11.79 11.33 3.56
CA ASN C 159 -11.24 10.68 2.36
C ASN C 159 -12.07 10.91 1.08
N TYR C 160 -13.09 11.78 1.15
CA TYR C 160 -13.93 12.00 -0.01
C TYR C 160 -13.15 12.51 -1.24
N ASN C 161 -13.28 11.79 -2.35
CA ASN C 161 -12.64 12.11 -3.63
C ASN C 161 -11.11 12.10 -3.58
N PHE C 162 -10.55 11.46 -2.56
CA PHE C 162 -9.11 11.43 -2.39
C PHE C 162 -8.35 11.07 -3.67
N GLU C 163 -8.86 10.07 -4.39
CA GLU C 163 -8.12 9.52 -5.53
C GLU C 163 -8.25 10.35 -6.81
N LYS C 164 -9.29 11.18 -6.92
CA LYS C 164 -9.59 11.92 -8.16
C LYS C 164 -8.45 12.76 -8.71
N PRO C 165 -7.87 13.64 -7.89
CA PRO C 165 -6.77 14.44 -8.46
C PRO C 165 -5.67 13.55 -9.05
N PHE C 166 -5.32 12.49 -8.35
CA PHE C 166 -4.23 11.61 -8.76
C PHE C 166 -4.60 10.81 -10.00
N LEU C 167 -5.87 10.41 -10.10
CA LEU C 167 -6.31 9.69 -11.29
C LEU C 167 -6.27 10.59 -12.55
N TRP C 168 -6.83 11.79 -12.44
CA TRP C 168 -6.83 12.73 -13.58
C TRP C 168 -5.39 13.02 -14.01
N LEU C 169 -4.52 13.26 -13.04
CA LEU C 169 -3.11 13.56 -13.32
C LEU C 169 -2.42 12.41 -14.03
N ALA C 170 -2.63 11.19 -13.55
CA ALA C 170 -2.06 10.00 -14.17
C ALA C 170 -2.49 9.89 -15.63
N ARG C 171 -3.80 10.04 -15.88
CA ARG C 171 -4.30 9.99 -17.24
C ARG C 171 -3.60 11.04 -18.12
N LYS C 172 -3.43 12.26 -17.61
CA LYS C 172 -2.81 13.32 -18.39
C LYS C 172 -1.32 13.07 -18.67
N LEU C 173 -0.59 12.63 -17.66
CA LEU C 173 0.85 12.45 -17.78
C LEU C 173 1.18 11.21 -18.62
N ILE C 174 0.38 10.15 -18.48
CA ILE C 174 0.63 8.90 -19.20
C ILE C 174 0.09 9.03 -20.63
N GLY C 175 -0.96 9.81 -20.78
CA GLY C 175 -1.59 9.99 -22.07
C GLY C 175 -2.54 8.84 -22.36
N ASP C 176 -3.24 8.39 -21.31
CA ASP C 176 -4.17 7.28 -21.45
C ASP C 176 -5.48 7.59 -20.74
N PRO C 177 -6.48 8.02 -21.50
CA PRO C 177 -7.78 8.40 -20.94
C PRO C 177 -8.48 7.21 -20.27
N ASN C 178 -8.09 5.99 -20.61
CA ASN C 178 -8.69 4.78 -20.04
C ASN C 178 -7.90 4.18 -18.88
N LEU C 179 -6.93 4.92 -18.35
CA LEU C 179 -6.17 4.48 -17.20
C LEU C 179 -7.11 4.38 -16.01
N GLU C 180 -6.95 3.31 -15.22
CA GLU C 180 -7.81 3.04 -14.08
C GLU C 180 -6.96 2.65 -12.86
N PHE C 181 -7.42 3.02 -11.68
CA PHE C 181 -6.82 2.49 -10.45
C PHE C 181 -7.47 1.14 -10.14
N VAL C 182 -6.65 0.10 -10.02
CA VAL C 182 -7.23 -1.23 -9.80
C VAL C 182 -7.77 -1.38 -8.37
N ALA C 183 -7.15 -0.68 -7.43
CA ALA C 183 -7.66 -0.63 -6.05
C ALA C 183 -7.24 0.66 -5.34
N MET C 184 -8.04 1.09 -4.37
CA MET C 184 -7.71 2.27 -3.57
C MET C 184 -6.51 1.98 -2.67
N PRO C 185 -5.63 2.96 -2.50
CA PRO C 185 -4.52 2.82 -1.57
C PRO C 185 -5.06 2.69 -0.15
N ALA C 186 -4.27 2.15 0.77
CA ALA C 186 -4.68 2.07 2.16
C ALA C 186 -4.64 3.47 2.75
N LEU C 187 -5.79 3.94 3.23
CA LEU C 187 -5.93 5.27 3.75
C LEU C 187 -6.27 5.24 5.24
N ALA C 188 -5.88 6.30 5.95
CA ALA C 188 -6.35 6.51 7.31
C ALA C 188 -7.88 6.59 7.30
N PRO C 189 -8.52 5.83 8.20
CA PRO C 189 -9.98 5.77 8.33
C PRO C 189 -10.57 7.17 8.43
N PRO C 190 -11.75 7.37 7.83
CA PRO C 190 -12.41 8.68 7.90
C PRO C 190 -12.59 9.17 9.34
N GLU C 191 -12.19 10.42 9.58
CA GLU C 191 -12.33 11.03 10.89
C GLU C 191 -13.65 11.78 11.01
N VAL C 192 -14.16 12.20 9.86
CA VAL C 192 -15.51 12.74 9.77
C VAL C 192 -16.21 11.98 8.66
N VAL C 193 -17.53 11.99 8.67
CA VAL C 193 -18.28 11.34 7.61
C VAL C 193 -18.78 12.35 6.58
N MET C 194 -18.55 12.05 5.31
CA MET C 194 -19.10 12.84 4.24
C MET C 194 -20.43 12.23 3.80
N ASP C 195 -21.53 12.93 4.12
CA ASP C 195 -22.88 12.54 3.74
C ASP C 195 -22.99 12.30 2.23
N PRO C 196 -23.47 11.10 1.84
CA PRO C 196 -23.62 10.70 0.44
C PRO C 196 -24.60 11.57 -0.34
N ALA C 197 -25.66 12.02 0.32
CA ALA C 197 -26.67 12.85 -0.32
C ALA C 197 -26.07 14.20 -0.69
N LEU C 198 -25.29 14.76 0.23
CA LEU C 198 -24.62 16.03 0.03
C LEU C 198 -23.55 15.89 -1.05
N ALA C 199 -22.83 14.77 -1.01
CA ALA C 199 -21.79 14.48 -1.99
C ALA C 199 -22.34 14.44 -3.41
N ALA C 200 -23.51 13.82 -3.58
CA ALA C 200 -24.11 13.72 -4.91
C ALA C 200 -24.56 15.09 -5.39
N GLN C 201 -25.14 15.86 -4.47
CA GLN C 201 -25.60 17.19 -4.79
C GLN C 201 -24.46 18.09 -5.24
N TYR C 202 -23.35 18.06 -4.51
CA TYR C 202 -22.22 18.92 -4.85
C TYR C 202 -21.68 18.58 -6.23
N GLU C 203 -21.67 17.29 -6.54
CA GLU C 203 -21.20 16.82 -7.84
C GLU C 203 -22.12 17.35 -8.92
N HIS C 204 -23.43 17.29 -8.68
CA HIS C 204 -24.41 17.82 -9.61
C HIS C 204 -24.22 19.32 -9.80
N ASP C 205 -24.02 20.04 -8.71
CA ASP C 205 -23.80 21.48 -8.76
C ASP C 205 -22.57 21.82 -9.61
N LEU C 206 -21.52 21.00 -9.49
CA LEU C 206 -20.32 21.20 -10.30
C LEU C 206 -20.61 20.98 -11.79
N GLU C 207 -21.41 19.96 -12.09
CA GLU C 207 -21.84 19.73 -13.47
C GLU C 207 -22.60 20.93 -14.04
N VAL C 208 -23.68 21.31 -13.35
CA VAL C 208 -24.45 22.50 -13.74
C VAL C 208 -23.53 23.69 -14.01
N ALA C 209 -22.74 24.09 -13.02
CA ALA C 209 -21.80 25.20 -13.20
C ALA C 209 -20.88 25.02 -14.41
N GLN C 210 -20.56 23.77 -14.72
CA GLN C 210 -19.68 23.47 -15.84
C GLN C 210 -20.34 23.80 -17.17
N THR C 211 -21.67 23.79 -17.21
CA THR C 211 -22.41 24.05 -18.44
C THR C 211 -23.11 25.41 -18.48
N THR C 212 -23.80 25.77 -17.40
CA THR C 212 -24.51 27.05 -17.35
C THR C 212 -23.65 28.20 -17.86
N SER D 8 22.57 10.55 -15.78
CA SER D 8 21.37 10.79 -14.98
C SER D 8 21.45 10.10 -13.63
N TRP D 9 20.95 10.78 -12.59
CA TRP D 9 20.97 10.23 -11.24
C TRP D 9 19.81 10.77 -10.41
N GLU D 10 19.17 9.89 -9.65
CA GLU D 10 18.07 10.31 -8.80
C GLU D 10 18.60 10.79 -7.47
N CYS D 11 18.21 12.00 -7.06
CA CYS D 11 18.65 12.54 -5.79
C CYS D 11 18.17 11.65 -4.65
N PRO D 12 19.09 11.19 -3.82
CA PRO D 12 18.76 10.30 -2.71
C PRO D 12 17.99 11.06 -1.65
N VAL D 13 18.10 12.38 -1.65
CA VAL D 13 17.45 13.20 -0.63
C VAL D 13 16.02 13.60 -0.99
N CYS D 14 15.81 14.06 -2.22
CA CYS D 14 14.47 14.52 -2.61
C CYS D 14 13.81 13.75 -3.75
N CYS D 15 14.54 12.80 -4.34
CA CYS D 15 14.04 11.99 -5.46
C CYS D 15 13.92 12.71 -6.80
N VAL D 16 14.40 13.95 -6.89
CA VAL D 16 14.35 14.65 -8.16
C VAL D 16 15.35 14.08 -9.15
N SER D 17 14.92 13.93 -10.41
CA SER D 17 15.80 13.48 -11.49
C SER D 17 16.78 14.57 -11.90
N ASN D 18 18.07 14.22 -11.95
CA ASN D 18 19.12 15.19 -12.23
C ASN D 18 19.99 14.81 -13.42
N LYS D 19 20.31 15.79 -14.26
CA LYS D 19 21.19 15.57 -15.40
C LYS D 19 22.55 15.11 -14.90
N ALA D 20 23.35 14.50 -15.78
CA ALA D 20 24.64 13.96 -15.40
C ALA D 20 25.68 15.07 -15.16
N GLU D 21 25.47 16.23 -15.78
CA GLU D 21 26.39 17.36 -15.64
C GLU D 21 26.17 18.13 -14.33
N ASP D 22 25.14 17.76 -13.59
CA ASP D 22 24.84 18.41 -12.31
C ASP D 22 25.52 17.70 -11.14
N SER D 23 26.41 18.41 -10.45
CA SER D 23 27.12 17.87 -9.30
C SER D 23 26.35 18.09 -8.01
N ARG D 24 25.24 18.83 -8.11
CA ARG D 24 24.35 19.02 -6.97
C ARG D 24 22.91 19.02 -7.48
N CYS D 25 21.99 18.58 -6.63
CA CYS D 25 20.58 18.48 -7.00
C CYS D 25 19.99 19.86 -7.36
N VAL D 26 19.51 19.98 -8.59
CA VAL D 26 18.96 21.23 -9.06
C VAL D 26 17.85 21.76 -8.15
N SER D 27 17.22 20.88 -7.39
CA SER D 27 16.11 21.30 -6.53
C SER D 27 16.54 21.55 -5.10
N CYS D 28 17.23 20.59 -4.49
CA CYS D 28 17.54 20.66 -3.07
C CYS D 28 19.02 20.89 -2.76
N THR D 29 19.82 21.14 -3.79
CA THR D 29 21.26 21.44 -3.66
C THR D 29 22.13 20.32 -3.06
N SER D 30 21.53 19.17 -2.74
CA SER D 30 22.30 18.06 -2.19
C SER D 30 23.13 17.39 -3.29
N GLU D 31 24.29 16.85 -2.92
CA GLU D 31 25.15 16.17 -3.88
C GLU D 31 24.68 14.74 -4.21
N LYS D 32 25.41 14.10 -5.12
CA LYS D 32 25.18 12.70 -5.54
C LYS D 32 23.99 12.02 -4.85
#